data_8QM9
#
_entry.id   8QM9
#
_cell.length_a   47.284
_cell.length_b   69.273
_cell.length_c   64.656
_cell.angle_alpha   90.00
_cell.angle_beta   95.71
_cell.angle_gamma   90.00
#
_symmetry.space_group_name_H-M   'P 1 21 1'
#
loop_
_entity.id
_entity.type
_entity.pdbx_description
1 polymer 'Eukaryotic translation initiation factor 4E'
2 non-polymer 1,2-ETHANEDIOL
3 non-polymer DI(HYDROXYETHYL)ETHER
4 non-polymer 'DIMETHYL SULFOXIDE'
5 non-polymer (2~{R})-2-[(1~{S})-1-[4-(2-fluorophenyl)-2-(2-hydroxyethylamino)phenyl]propoxy]propan-1-ol
6 water water
#
_entity_poly.entity_id   1
_entity_poly.type   'polypeptide(L)'
_entity_poly.pdbx_seq_one_letter_code
;MHHHHHHGARIIYDRAFLMACRGGGGENLYFQGKHPLQNRWALWFFKNDKSKTWQANLRLISKFDTVEDFWALYNHIQLS
SNLMPGCDYSLFKDGIEPMWEDEKNKRGGRWLITLNKQQRRSDLNRFWLETLLCLIGESFDDYSDDVCGAVVNVRAKGDK
IAIWTTECENREAVTHIGRVYKERLGLPPKIVIGYQSHADTATKSGSTTKNRFVV
;
_entity_poly.pdbx_strand_id   A,B
#
# COMPACT_ATOMS: atom_id res chain seq x y z
N ALA A 9 9.57 19.78 18.72
CA ALA A 9 9.88 20.83 17.74
C ALA A 9 9.87 20.24 16.35
N ARG A 10 9.29 20.96 15.37
CA ARG A 10 9.14 20.41 14.01
C ARG A 10 10.50 20.17 13.39
N ILE A 11 10.65 19.04 12.76
CA ILE A 11 11.83 18.75 11.97
C ILE A 11 11.70 19.46 10.58
N ILE A 12 12.49 20.51 10.37
CA ILE A 12 12.42 21.30 9.13
C ILE A 12 13.78 21.29 8.48
N TYR A 13 13.82 20.89 7.20
CA TYR A 13 15.03 20.95 6.39
C TYR A 13 14.81 21.95 5.26
N ASP A 14 15.68 22.94 5.11
CA ASP A 14 15.72 23.74 3.88
C ASP A 14 16.29 22.96 2.66
N ARG A 15 16.11 23.55 1.47
CA ARG A 15 16.53 22.95 0.21
CA ARG A 15 16.54 22.96 0.20
C ARG A 15 18.03 22.60 0.19
N ALA A 16 18.92 23.48 0.73
CA ALA A 16 20.36 23.20 0.77
C ALA A 16 20.74 21.98 1.60
N PHE A 17 20.16 21.85 2.78
CA PHE A 17 20.42 20.70 3.64
C PHE A 17 20.03 19.39 2.92
N LEU A 18 18.79 19.26 2.42
CA LEU A 18 18.35 18.04 1.73
C LEU A 18 19.32 17.67 0.59
N MET A 19 19.69 18.64 -0.21
CA MET A 19 20.64 18.43 -1.30
C MET A 19 22.04 17.94 -0.83
N ALA A 20 22.53 18.38 0.34
CA ALA A 20 23.83 17.92 0.86
C ALA A 20 23.77 16.49 1.43
N CYS A 21 22.58 16.06 1.92
CA CYS A 21 22.37 14.68 2.37
C CYS A 21 22.27 13.65 1.20
N ARG A 22 22.41 14.10 -0.05
CA ARG A 22 22.24 13.27 -1.24
CA ARG A 22 22.22 13.30 -1.27
C ARG A 22 23.54 12.59 -1.67
N GLY A 23 23.42 11.46 -2.37
CA GLY A 23 24.55 10.68 -2.86
C GLY A 23 25.05 9.63 -1.87
N GLY A 24 24.38 9.54 -0.71
CA GLY A 24 24.77 8.65 0.37
C GLY A 24 26.09 9.04 0.98
N GLY A 25 26.64 8.09 1.72
CA GLY A 25 27.98 8.22 2.30
C GLY A 25 28.01 7.78 3.73
N GLY A 26 27.04 8.26 4.51
CA GLY A 26 26.99 8.04 5.95
C GLY A 26 26.96 6.58 6.33
N GLU A 27 27.73 6.23 7.37
CA GLU A 27 27.79 4.86 7.88
C GLU A 27 26.48 4.48 8.63
N ASN A 28 25.74 5.48 9.17
CA ASN A 28 24.55 5.27 10.01
C ASN A 28 24.95 4.44 11.21
N LEU A 29 26.03 4.86 11.90
CA LEU A 29 26.51 4.18 13.09
C LEU A 29 25.40 4.24 14.16
N TYR A 30 25.27 3.16 14.95
CA TYR A 30 24.27 3.02 16.00
C TYR A 30 22.82 3.19 15.50
N PHE A 31 22.56 3.11 14.19
CA PHE A 31 21.22 3.44 13.64
C PHE A 31 20.76 4.88 13.97
N GLN A 32 21.76 5.79 14.16
CA GLN A 32 21.52 7.17 14.66
C GLN A 32 22.09 8.27 13.82
N GLY A 33 22.54 7.96 12.63
CA GLY A 33 23.23 8.90 11.78
C GLY A 33 22.37 9.39 10.63
N LYS A 34 21.19 8.76 10.36
CA LYS A 34 20.28 9.24 9.33
C LYS A 34 19.46 10.38 9.88
N HIS A 35 19.01 11.29 9.00
CA HIS A 35 18.31 12.49 9.42
C HIS A 35 16.83 12.23 9.38
N PRO A 36 16.16 12.20 10.54
CA PRO A 36 14.75 11.83 10.54
C PRO A 36 13.85 12.87 9.92
N LEU A 37 12.83 12.44 9.22
CA LEU A 37 11.78 13.34 8.73
C LEU A 37 10.72 13.59 9.81
N GLN A 38 10.05 14.72 9.75
CA GLN A 38 8.91 15.01 10.61
C GLN A 38 7.80 13.97 10.46
N ASN A 39 7.57 13.54 9.22
CA ASN A 39 6.53 12.60 8.81
C ASN A 39 7.12 11.42 8.08
N ARG A 40 6.44 10.27 8.18
CA ARG A 40 6.62 9.15 7.27
C ARG A 40 5.77 9.36 6.03
N TRP A 41 6.32 8.98 4.87
CA TRP A 41 5.76 9.26 3.56
C TRP A 41 5.68 8.00 2.80
N ALA A 42 4.62 7.87 1.98
CA ALA A 42 4.39 6.72 1.14
C ALA A 42 4.34 7.14 -0.31
N LEU A 43 5.09 6.44 -1.18
CA LEU A 43 5.07 6.64 -2.62
C LEU A 43 4.09 5.67 -3.24
N TRP A 44 3.15 6.16 -4.04
CA TRP A 44 2.13 5.40 -4.75
C TRP A 44 2.27 5.57 -6.26
N PHE A 45 1.87 4.51 -7.01
CA PHE A 45 1.74 4.48 -8.47
C PHE A 45 0.30 4.12 -8.82
N PHE A 46 -0.23 4.74 -9.84
CA PHE A 46 -1.57 4.41 -10.32
C PHE A 46 -1.49 4.38 -11.86
N LYS A 47 -1.69 3.17 -12.45
CA LYS A 47 -1.73 2.92 -13.92
C LYS A 47 -3.15 3.06 -14.50
N ASN A 48 -3.27 3.02 -15.85
CA ASN A 48 -4.56 2.72 -16.51
C ASN A 48 -4.47 1.33 -17.16
N ASP A 49 -5.52 0.46 -16.98
CA ASP A 49 -5.53 -0.91 -17.50
C ASP A 49 -6.85 -1.29 -18.22
N LYS A 50 -6.99 -2.58 -18.65
CA LYS A 50 -8.17 -3.14 -19.32
C LYS A 50 -9.26 -3.30 -18.26
N SER A 51 -9.87 -2.17 -17.89
CA SER A 51 -10.65 -1.91 -16.68
C SER A 51 -10.38 -2.87 -15.53
N LYS A 52 -9.27 -2.61 -14.86
CA LYS A 52 -9.16 -2.97 -13.48
C LYS A 52 -9.94 -1.89 -12.70
N THR A 53 -10.53 -2.28 -11.58
CA THR A 53 -11.20 -1.33 -10.69
C THR A 53 -10.16 -0.28 -10.15
N TRP A 54 -10.65 0.86 -9.63
CA TRP A 54 -9.78 1.97 -9.19
C TRP A 54 -8.77 1.48 -8.15
N GLN A 55 -9.26 0.65 -7.21
CA GLN A 55 -8.43 0.05 -6.19
C GLN A 55 -7.34 -0.85 -6.78
N ALA A 56 -7.65 -1.61 -7.82
CA ALA A 56 -6.68 -2.54 -8.41
C ALA A 56 -5.55 -1.80 -9.14
N ASN A 57 -5.80 -0.58 -9.65
CA ASN A 57 -4.77 0.23 -10.29
C ASN A 57 -3.87 1.00 -9.32
N LEU A 58 -4.28 1.21 -8.05
CA LEU A 58 -3.50 1.96 -7.09
C LEU A 58 -2.61 1.02 -6.33
N ARG A 59 -1.29 1.31 -6.36
CA ARG A 59 -0.25 0.44 -5.81
C ARG A 59 0.66 1.26 -4.91
N LEU A 60 1.00 0.72 -3.76
CA LEU A 60 1.99 1.31 -2.87
C LEU A 60 3.33 0.76 -3.28
N ILE A 61 4.34 1.64 -3.44
CA ILE A 61 5.69 1.30 -3.88
C ILE A 61 6.61 1.17 -2.69
N SER A 62 6.60 2.15 -1.81
CA SER A 62 7.60 2.22 -0.75
C SER A 62 7.24 3.29 0.27
N LYS A 63 7.73 3.14 1.50
CA LYS A 63 7.61 4.17 2.53
C LYS A 63 8.99 4.56 3.08
N PHE A 64 9.13 5.78 3.62
CA PHE A 64 10.41 6.26 4.18
C PHE A 64 10.15 7.35 5.20
N ASP A 65 11.10 7.53 6.08
CA ASP A 65 11.02 8.56 7.10
C ASP A 65 12.38 9.14 7.49
N THR A 66 13.36 9.06 6.59
CA THR A 66 14.61 9.77 6.71
C THR A 66 14.94 10.43 5.35
N VAL A 67 15.78 11.46 5.42
CA VAL A 67 16.29 12.17 4.25
C VAL A 67 17.06 11.19 3.35
N GLU A 68 17.89 10.33 3.95
CA GLU A 68 18.74 9.37 3.21
C GLU A 68 17.93 8.29 2.50
N ASP A 69 16.86 7.79 3.15
CA ASP A 69 15.98 6.82 2.49
C ASP A 69 15.13 7.45 1.39
N PHE A 70 14.76 8.74 1.54
CA PHE A 70 14.18 9.49 0.41
C PHE A 70 15.10 9.50 -0.79
N TRP A 71 16.36 9.90 -0.59
CA TRP A 71 17.30 9.97 -1.69
C TRP A 71 17.62 8.60 -2.26
N ALA A 72 17.74 7.53 -1.44
CA ALA A 72 17.97 6.17 -2.03
C ALA A 72 16.78 5.80 -2.96
N LEU A 73 15.55 6.06 -2.53
CA LEU A 73 14.36 5.82 -3.33
C LEU A 73 14.29 6.71 -4.58
N TYR A 74 14.55 8.02 -4.42
CA TYR A 74 14.58 8.97 -5.55
C TYR A 74 15.66 8.58 -6.59
N ASN A 75 16.91 8.27 -6.10
CA ASN A 75 18.03 7.89 -6.98
C ASN A 75 17.69 6.59 -7.68
N HIS A 76 17.21 5.59 -6.94
CA HIS A 76 16.70 4.37 -7.56
C HIS A 76 15.66 4.62 -8.68
N ILE A 77 14.48 5.24 -8.37
CA ILE A 77 13.44 5.51 -9.35
C ILE A 77 14.00 6.31 -10.57
N GLN A 78 14.93 7.25 -10.30
CA GLN A 78 15.51 8.08 -11.36
C GLN A 78 16.35 7.23 -12.31
N LEU A 79 17.09 6.25 -11.80
CA LEU A 79 17.92 5.36 -12.62
C LEU A 79 17.08 4.25 -13.29
N SER A 80 16.06 3.73 -12.60
CA SER A 80 15.38 2.52 -13.02
C SER A 80 14.09 2.74 -13.82
N SER A 81 13.30 3.78 -13.51
CA SER A 81 11.90 3.80 -13.95
C SER A 81 11.67 4.51 -15.28
N ASN A 82 10.63 4.09 -16.03
CA ASN A 82 10.19 4.74 -17.26
C ASN A 82 9.00 5.65 -17.04
N LEU A 83 8.88 6.71 -17.86
CA LEU A 83 7.85 7.73 -17.79
C LEU A 83 6.71 7.47 -18.79
N MET A 84 5.68 6.73 -18.38
CA MET A 84 4.58 6.38 -19.30
C MET A 84 3.45 7.36 -19.08
N PRO A 85 2.93 8.01 -20.14
CA PRO A 85 1.66 8.76 -19.95
C PRO A 85 0.51 7.86 -19.51
N GLY A 86 -0.51 8.50 -18.97
CA GLY A 86 -1.65 7.83 -18.35
C GLY A 86 -1.42 7.46 -16.90
N CYS A 87 -0.14 7.48 -16.44
CA CYS A 87 0.24 7.07 -15.11
C CYS A 87 0.31 8.28 -14.11
N ASP A 88 0.19 7.98 -12.83
CA ASP A 88 0.23 8.98 -11.78
C ASP A 88 1.13 8.45 -10.68
N TYR A 89 1.94 9.34 -10.11
CA TYR A 89 2.71 9.08 -8.91
C TYR A 89 2.27 10.04 -7.81
N SER A 90 2.30 9.56 -6.61
CA SER A 90 1.89 10.34 -5.44
C SER A 90 2.76 10.08 -4.26
N LEU A 91 3.13 11.11 -3.54
CA LEU A 91 3.77 10.98 -2.25
C LEU A 91 2.85 11.55 -1.25
N PHE A 92 2.36 10.72 -0.32
CA PHE A 92 1.39 11.15 0.70
C PHE A 92 1.86 10.75 2.03
N LYS A 93 1.48 11.51 3.07
CA LYS A 93 1.79 11.12 4.43
C LYS A 93 1.19 9.71 4.74
N ASP A 94 1.92 9.01 5.57
CA ASP A 94 1.56 7.65 5.98
C ASP A 94 0.15 7.66 6.57
N GLY A 95 -0.72 6.83 5.99
CA GLY A 95 -2.09 6.66 6.41
C GLY A 95 -3.11 7.48 5.67
N ILE A 96 -2.71 8.21 4.63
CA ILE A 96 -3.61 8.93 3.73
C ILE A 96 -3.47 8.30 2.34
N GLU A 97 -4.56 7.73 1.82
CA GLU A 97 -4.59 7.27 0.45
C GLU A 97 -4.64 8.46 -0.52
N PRO A 98 -3.97 8.38 -1.69
CA PRO A 98 -4.03 9.46 -2.67
C PRO A 98 -5.31 9.55 -3.46
N MET A 99 -6.44 9.56 -2.77
CA MET A 99 -7.74 9.60 -3.38
C MET A 99 -8.54 10.68 -2.62
N TRP A 100 -9.26 11.50 -3.36
CA TRP A 100 -9.92 12.66 -2.77
C TRP A 100 -11.02 12.23 -1.75
N GLU A 101 -11.51 10.95 -1.82
CA GLU A 101 -12.53 10.39 -0.94
C GLU A 101 -11.98 10.08 0.43
N ASP A 102 -10.65 9.84 0.59
CA ASP A 102 -9.98 9.74 1.90
C ASP A 102 -10.43 10.81 2.87
N GLU A 103 -10.59 10.44 4.14
CA GLU A 103 -10.99 11.36 5.21
C GLU A 103 -10.15 12.62 5.25
N LYS A 104 -8.85 12.48 5.01
CA LYS A 104 -7.94 13.64 5.07
C LYS A 104 -7.90 14.46 3.77
N ASN A 105 -8.55 14.01 2.66
CA ASN A 105 -8.59 14.79 1.46
C ASN A 105 -10.04 15.28 1.12
N LYS A 106 -11.10 14.60 1.62
CA LYS A 106 -12.47 14.92 1.17
C LYS A 106 -12.85 16.39 1.36
N ARG A 107 -12.36 17.05 2.42
CA ARG A 107 -12.68 18.45 2.65
C ARG A 107 -11.63 19.42 2.09
N GLY A 108 -10.75 18.93 1.22
CA GLY A 108 -9.49 19.59 0.89
C GLY A 108 -9.48 20.10 -0.50
N GLY A 109 -8.28 20.34 -0.97
CA GLY A 109 -8.02 20.64 -2.36
C GLY A 109 -6.55 20.63 -2.71
N ARG A 110 -6.25 21.21 -3.86
CA ARG A 110 -4.93 21.20 -4.39
C ARG A 110 -4.51 22.53 -5.02
N TRP A 111 -3.24 22.87 -4.77
CA TRP A 111 -2.48 23.87 -5.53
C TRP A 111 -1.94 23.20 -6.83
N LEU A 112 -2.35 23.67 -8.00
CA LEU A 112 -2.10 22.99 -9.27
C LEU A 112 -1.16 23.74 -10.17
N ILE A 113 -0.18 23.05 -10.70
CA ILE A 113 0.71 23.53 -11.76
C ILE A 113 0.48 22.63 -13.01
N THR A 114 0.11 23.23 -14.11
CA THR A 114 -0.03 22.54 -15.36
C THR A 114 1.12 22.98 -16.24
N LEU A 115 1.83 21.98 -16.81
CA LEU A 115 2.89 22.13 -17.77
C LEU A 115 2.35 21.82 -19.16
N ASN A 116 2.79 22.57 -20.19
CA ASN A 116 2.46 22.21 -21.58
C ASN A 116 3.45 21.11 -22.08
N LYS A 117 3.14 20.53 -23.24
CA LYS A 117 3.87 19.43 -23.90
C LYS A 117 5.38 19.66 -23.87
N GLN A 118 5.81 20.90 -24.23
CA GLN A 118 7.23 21.32 -24.30
C GLN A 118 7.92 21.24 -22.91
N GLN A 119 7.16 21.59 -21.86
CA GLN A 119 7.72 21.66 -20.51
C GLN A 119 7.89 20.30 -19.86
N ARG A 120 7.43 19.19 -20.48
CA ARG A 120 7.80 17.86 -20.01
C ARG A 120 9.35 17.69 -19.94
N ARG A 121 10.02 17.98 -21.05
CA ARG A 121 11.46 17.81 -21.13
C ARG A 121 12.14 18.81 -20.18
N SER A 122 11.73 20.08 -20.19
CA SER A 122 12.42 21.14 -19.43
C SER A 122 12.07 21.27 -17.91
N ASP A 123 10.81 21.10 -17.51
CA ASP A 123 10.37 21.45 -16.17
C ASP A 123 9.80 20.30 -15.33
N LEU A 124 9.37 19.18 -15.90
CA LEU A 124 8.70 18.11 -15.13
C LEU A 124 9.60 17.57 -14.00
N ASN A 125 10.82 17.11 -14.32
CA ASN A 125 11.68 16.51 -13.32
C ASN A 125 12.05 17.50 -12.23
N ARG A 126 12.41 18.70 -12.67
CA ARG A 126 12.80 19.78 -11.77
C ARG A 126 11.62 20.14 -10.84
N PHE A 127 10.47 20.43 -11.37
CA PHE A 127 9.35 20.86 -10.54
C PHE A 127 8.87 19.72 -9.63
N TRP A 128 8.91 18.47 -10.10
CA TRP A 128 8.53 17.35 -9.27
C TRP A 128 9.46 17.20 -8.08
N LEU A 129 10.79 17.22 -8.30
CA LEU A 129 11.75 17.17 -7.21
C LEU A 129 11.54 18.34 -6.25
N GLU A 130 11.37 19.59 -6.78
CA GLU A 130 11.21 20.72 -5.87
C GLU A 130 9.97 20.57 -4.97
N THR A 131 8.90 20.05 -5.56
CA THR A 131 7.68 19.67 -4.83
C THR A 131 7.95 18.66 -3.70
N LEU A 132 8.68 17.58 -4.01
CA LEU A 132 9.02 16.57 -3.03
C LEU A 132 9.85 17.13 -1.89
N LEU A 133 10.76 18.06 -2.18
CA LEU A 133 11.57 18.66 -1.13
C LEU A 133 10.72 19.51 -0.15
N CYS A 134 9.76 20.22 -0.65
CA CYS A 134 8.80 21.01 0.10
C CYS A 134 8.03 20.16 1.09
N LEU A 135 7.66 18.92 0.63
CA LEU A 135 6.89 17.98 1.46
C LEU A 135 7.76 17.40 2.57
N ILE A 136 8.84 16.70 2.22
CA ILE A 136 9.65 16.02 3.24
C ILE A 136 10.36 17.01 4.14
N GLY A 137 10.73 18.16 3.61
CA GLY A 137 11.39 19.20 4.41
C GLY A 137 10.51 20.01 5.32
N GLU A 138 9.19 19.82 5.31
CA GLU A 138 8.27 20.66 6.10
C GLU A 138 8.38 22.20 5.87
N SER A 139 8.28 22.60 4.61
CA SER A 139 8.62 23.94 4.14
C SER A 139 7.57 25.02 4.40
N PHE A 140 6.41 24.64 4.94
CA PHE A 140 5.31 25.57 5.11
C PHE A 140 5.12 25.92 6.57
N ASP A 141 6.14 25.74 7.45
CA ASP A 141 6.04 26.19 8.86
C ASP A 141 4.91 25.40 9.56
N ASP A 142 4.05 25.96 10.46
CA ASP A 142 3.01 25.08 11.09
C ASP A 142 2.04 24.56 10.04
N TYR A 143 1.89 25.32 8.93
CA TYR A 143 0.94 24.97 7.88
C TYR A 143 1.33 23.71 7.09
N SER A 144 2.54 23.15 7.30
CA SER A 144 2.88 21.85 6.72
C SER A 144 1.98 20.76 7.24
N ASP A 145 1.37 20.89 8.42
CA ASP A 145 0.41 19.91 8.90
C ASP A 145 -0.80 19.84 7.98
N ASP A 146 -1.12 20.95 7.26
CA ASP A 146 -2.22 20.90 6.31
C ASP A 146 -1.90 20.12 5.04
N VAL A 147 -0.64 19.82 4.76
CA VAL A 147 -0.26 19.10 3.54
C VAL A 147 -0.64 17.62 3.72
N CYS A 148 -1.28 17.03 2.72
CA CYS A 148 -1.55 15.60 2.66
C CYS A 148 -0.51 14.91 1.81
N GLY A 149 -0.22 15.48 0.65
CA GLY A 149 0.71 14.90 -0.30
C GLY A 149 0.79 15.71 -1.55
N ALA A 150 1.47 15.14 -2.57
CA ALA A 150 1.62 15.73 -3.88
C ALA A 150 1.40 14.67 -4.93
N VAL A 151 0.80 15.03 -6.07
CA VAL A 151 0.53 14.17 -7.18
C VAL A 151 1.16 14.69 -8.50
N VAL A 152 1.71 13.79 -9.29
CA VAL A 152 2.09 14.07 -10.65
C VAL A 152 1.22 13.22 -11.62
N ASN A 153 0.48 13.88 -12.48
CA ASN A 153 -0.23 13.20 -13.57
C ASN A 153 0.55 13.39 -14.90
N VAL A 154 1.04 12.25 -15.45
CA VAL A 154 1.83 12.24 -16.67
C VAL A 154 0.83 12.09 -17.75
N ARG A 155 0.70 13.12 -18.65
CA ARG A 155 -0.34 13.10 -19.70
C ARG A 155 0.18 13.59 -21.06
N ALA A 156 -0.47 13.23 -22.14
CA ALA A 156 0.00 13.59 -23.51
C ALA A 156 -0.22 15.09 -23.76
N LYS A 157 -1.36 15.58 -23.34
CA LYS A 157 -1.79 16.97 -23.45
C LYS A 157 -0.90 17.91 -22.61
N GLY A 158 -0.39 17.42 -21.49
CA GLY A 158 0.40 18.25 -20.59
C GLY A 158 0.29 17.77 -19.16
N ASP A 159 1.42 17.80 -18.51
CA ASP A 159 1.57 17.15 -17.25
C ASP A 159 1.01 18.02 -16.14
N LYS A 160 0.52 17.39 -15.06
CA LYS A 160 0.01 18.13 -13.90
C LYS A 160 0.79 17.78 -12.67
N ILE A 161 1.14 18.80 -11.88
CA ILE A 161 1.77 18.59 -10.57
C ILE A 161 0.96 19.42 -9.56
N ALA A 162 0.66 18.83 -8.40
CA ALA A 162 -0.24 19.44 -7.42
C ALA A 162 0.14 19.09 -6.02
N ILE A 163 0.08 20.05 -5.09
CA ILE A 163 0.10 19.75 -3.66
C ILE A 163 -1.33 19.76 -3.11
N TRP A 164 -1.67 18.61 -2.49
CA TRP A 164 -2.95 18.31 -1.88
C TRP A 164 -2.87 18.76 -0.41
N THR A 165 -3.88 19.51 0.03
CA THR A 165 -4.00 19.92 1.43
C THR A 165 -5.34 19.41 1.95
N THR A 166 -5.45 19.42 3.28
CA THR A 166 -6.54 18.73 3.98
C THR A 166 -7.89 19.48 4.09
N GLU A 167 -7.88 20.82 4.04
CA GLU A 167 -9.03 21.65 4.39
C GLU A 167 -9.11 22.91 3.52
N CYS A 168 -10.00 22.92 2.51
CA CYS A 168 -10.06 24.09 1.63
C CYS A 168 -10.55 25.34 2.32
N GLU A 169 -11.15 25.29 3.53
CA GLU A 169 -11.60 26.50 4.21
C GLU A 169 -10.55 27.11 5.16
N ASN A 170 -9.36 26.49 5.28
CA ASN A 170 -8.22 27.07 6.01
C ASN A 170 -7.44 28.01 5.08
N ARG A 171 -8.00 29.23 4.86
CA ARG A 171 -7.46 30.14 3.87
C ARG A 171 -6.00 30.52 4.21
N GLU A 172 -5.71 30.86 5.48
CA GLU A 172 -4.37 31.31 5.89
C GLU A 172 -3.30 30.22 5.65
N ALA A 173 -3.66 28.93 5.92
CA ALA A 173 -2.74 27.81 5.71
C ALA A 173 -2.49 27.60 4.20
N VAL A 174 -3.60 27.61 3.45
CA VAL A 174 -3.67 27.27 2.06
C VAL A 174 -2.88 28.32 1.28
N THR A 175 -3.11 29.60 1.56
CA THR A 175 -2.51 30.67 0.81
C THR A 175 -1.01 30.73 1.09
N HIS A 176 -0.59 30.48 2.33
CA HIS A 176 0.82 30.41 2.70
C HIS A 176 1.52 29.25 2.01
N ILE A 177 0.89 28.04 1.98
CA ILE A 177 1.43 26.91 1.21
C ILE A 177 1.67 27.34 -0.27
N GLY A 178 0.67 27.96 -0.85
CA GLY A 178 0.68 28.34 -2.25
C GLY A 178 1.78 29.34 -2.56
N ARG A 179 1.95 30.38 -1.69
CA ARG A 179 3.00 31.42 -1.82
C ARG A 179 4.39 30.82 -1.79
N VAL A 180 4.66 30.03 -0.78
CA VAL A 180 5.97 29.39 -0.57
C VAL A 180 6.24 28.38 -1.69
N TYR A 181 5.26 27.60 -2.04
CA TYR A 181 5.37 26.65 -3.15
C TYR A 181 5.70 27.34 -4.49
N LYS A 182 4.98 28.40 -4.85
CA LYS A 182 5.24 29.11 -6.10
C LYS A 182 6.68 29.70 -6.07
N GLU A 183 7.10 30.23 -4.91
CA GLU A 183 8.46 30.74 -4.65
C GLU A 183 9.55 29.64 -4.89
N ARG A 184 9.31 28.47 -4.33
CA ARG A 184 10.23 27.35 -4.42
C ARG A 184 10.26 26.77 -5.80
N LEU A 185 9.15 26.82 -6.54
CA LEU A 185 9.16 26.50 -7.95
C LEU A 185 9.88 27.53 -8.83
N GLY A 186 10.16 28.72 -8.30
CA GLY A 186 10.68 29.83 -9.08
C GLY A 186 9.81 30.20 -10.24
N LEU A 187 8.48 30.21 -10.06
CA LEU A 187 7.61 30.65 -11.12
C LEU A 187 7.67 32.17 -11.16
N PRO A 188 7.66 32.77 -12.39
CA PRO A 188 7.45 34.23 -12.50
C PRO A 188 6.19 34.69 -11.77
N PRO A 189 6.20 35.83 -11.06
CA PRO A 189 4.97 36.27 -10.34
C PRO A 189 3.74 36.48 -11.22
N LYS A 190 3.92 36.54 -12.55
CA LYS A 190 2.76 36.65 -13.44
C LYS A 190 2.20 35.30 -13.87
N ILE A 191 2.93 34.19 -13.65
CA ILE A 191 2.36 32.86 -13.74
C ILE A 191 1.57 32.69 -12.47
N VAL A 192 0.26 32.67 -12.54
CA VAL A 192 -0.60 32.55 -11.36
C VAL A 192 -1.00 31.10 -11.16
N ILE A 193 -0.83 30.57 -9.93
CA ILE A 193 -1.26 29.22 -9.62
C ILE A 193 -2.58 29.28 -8.89
N GLY A 194 -3.37 28.22 -9.05
CA GLY A 194 -4.74 28.16 -8.56
C GLY A 194 -4.95 27.01 -7.59
N TYR A 195 -5.76 27.25 -6.54
CA TYR A 195 -6.10 26.24 -5.53
C TYR A 195 -7.52 25.84 -5.81
N GLN A 196 -7.75 24.53 -6.05
CA GLN A 196 -9.01 23.91 -6.38
C GLN A 196 -9.49 22.96 -5.30
N SER A 197 -10.70 23.22 -4.76
CA SER A 197 -11.39 22.29 -3.87
C SER A 197 -11.60 20.96 -4.58
N HIS A 198 -11.32 19.89 -3.91
CA HIS A 198 -11.54 18.55 -4.48
C HIS A 198 -13.01 18.38 -4.87
N ALA A 199 -13.92 18.96 -4.05
CA ALA A 199 -15.37 18.91 -4.30
C ALA A 199 -15.77 19.57 -5.65
N ASP A 200 -15.08 20.64 -6.06
CA ASP A 200 -15.31 21.26 -7.35
C ASP A 200 -14.66 20.42 -8.47
N THR A 201 -13.40 19.97 -8.26
CA THR A 201 -12.68 19.15 -9.23
C THR A 201 -13.38 17.84 -9.53
N ALA A 202 -14.11 17.27 -8.55
CA ALA A 202 -14.89 16.06 -8.77
C ALA A 202 -16.08 16.33 -9.68
N THR A 203 -16.66 17.54 -9.66
CA THR A 203 -17.79 17.85 -10.51
C THR A 203 -17.26 18.31 -11.83
N LYS A 204 -17.74 17.70 -12.92
CA LYS A 204 -17.41 18.18 -14.25
C LYS A 204 -18.52 19.16 -14.61
N SER A 205 -18.14 20.44 -14.75
CA SER A 205 -19.07 21.57 -14.97
C SER A 205 -18.80 22.31 -16.29
N GLY A 206 -17.99 21.73 -17.17
CA GLY A 206 -17.70 22.35 -18.46
C GLY A 206 -16.22 22.57 -18.62
N SER A 207 -15.88 23.82 -19.02
CA SER A 207 -14.53 24.28 -19.29
C SER A 207 -13.88 24.82 -17.98
N THR A 208 -12.78 24.16 -17.54
CA THR A 208 -12.04 24.49 -16.32
C THR A 208 -12.88 24.19 -15.04
N THR A 209 -12.19 24.22 -13.90
CA THR A 209 -12.76 24.14 -12.56
C THR A 209 -12.55 25.52 -11.84
N LYS A 210 -13.41 25.83 -10.87
CA LYS A 210 -13.28 27.03 -10.07
C LYS A 210 -11.98 26.98 -9.22
N ASN A 211 -11.29 28.11 -9.09
CA ASN A 211 -10.26 28.28 -8.07
C ASN A 211 -10.83 28.99 -6.83
N ARG A 212 -10.83 28.29 -5.69
CA ARG A 212 -11.06 28.98 -4.41
C ARG A 212 -10.03 30.11 -4.14
N PHE A 213 -8.71 29.87 -4.39
CA PHE A 213 -7.64 30.88 -4.18
C PHE A 213 -6.67 30.88 -5.39
N VAL A 214 -5.92 31.97 -5.54
CA VAL A 214 -4.94 32.20 -6.61
C VAL A 214 -3.70 32.92 -5.96
N VAL A 215 -2.48 32.55 -6.34
CA VAL A 215 -1.26 33.29 -5.94
C VAL A 215 -0.33 33.42 -7.15
N ALA B 9 12.69 0.78 10.15
CA ALA B 9 12.39 -0.14 11.25
C ALA B 9 11.11 -0.94 10.96
N ARG B 10 11.07 -2.24 11.33
CA ARG B 10 9.97 -3.14 10.96
C ARG B 10 8.75 -3.02 11.91
N ILE B 11 7.56 -2.98 11.34
CA ILE B 11 6.31 -2.73 12.08
C ILE B 11 5.62 -4.07 12.46
N ILE B 12 5.78 -4.45 13.72
CA ILE B 12 5.30 -5.73 14.21
C ILE B 12 4.28 -5.48 15.29
N TYR B 13 3.07 -6.05 15.14
CA TYR B 13 2.04 -5.99 16.16
C TYR B 13 1.78 -7.39 16.69
N ASP B 14 1.88 -7.62 18.01
CA ASP B 14 1.36 -8.85 18.59
C ASP B 14 -0.19 -8.92 18.61
N ARG B 15 -0.70 -10.12 18.91
CA ARG B 15 -2.12 -10.38 18.90
C ARG B 15 -2.90 -9.47 19.85
N ALA B 16 -2.38 -9.17 21.05
CA ALA B 16 -3.06 -8.27 22.01
C ALA B 16 -3.22 -6.85 21.50
N PHE B 17 -2.17 -6.28 20.92
CA PHE B 17 -2.23 -4.94 20.36
C PHE B 17 -3.33 -4.85 19.27
N LEU B 18 -3.31 -5.74 18.27
CA LEU B 18 -4.29 -5.69 17.17
C LEU B 18 -5.74 -5.79 17.69
N MET B 19 -5.96 -6.65 18.68
CA MET B 19 -7.24 -6.75 19.33
C MET B 19 -7.68 -5.47 20.09
N ALA B 20 -6.76 -4.72 20.69
CA ALA B 20 -7.12 -3.47 21.40
C ALA B 20 -7.42 -2.31 20.42
N CYS B 21 -6.83 -2.36 19.20
CA CYS B 21 -7.15 -1.38 18.15
C CYS B 21 -8.54 -1.61 17.49
N ARG B 22 -9.31 -2.62 17.92
CA ARG B 22 -10.60 -3.01 17.30
C ARG B 22 -11.78 -2.28 17.97
N GLY B 23 -12.91 -2.16 17.23
CA GLY B 23 -14.15 -1.61 17.75
C GLY B 23 -15.25 -2.66 17.81
N LYS B 34 -3.86 6.61 13.09
CA LYS B 34 -4.00 5.21 12.73
C LYS B 34 -2.67 4.51 12.79
N HIS B 35 -2.69 3.20 13.06
CA HIS B 35 -1.46 2.44 13.25
C HIS B 35 -1.06 1.82 11.94
N PRO B 36 0.06 2.24 11.32
CA PRO B 36 0.40 1.73 10.00
C PRO B 36 0.83 0.28 9.99
N LEU B 37 0.49 -0.47 8.90
CA LEU B 37 0.98 -1.84 8.69
C LEU B 37 2.31 -1.78 7.94
N GLN B 38 3.16 -2.76 8.18
CA GLN B 38 4.42 -2.93 7.44
C GLN B 38 4.17 -3.03 5.94
N ASN B 39 3.07 -3.69 5.56
CA ASN B 39 2.65 -3.94 4.18
C ASN B 39 1.23 -3.43 3.94
N ARG B 40 0.96 -3.05 2.69
CA ARG B 40 -0.40 -2.91 2.18
C ARG B 40 -0.91 -4.29 1.71
N TRP B 41 -2.21 -4.55 1.96
CA TRP B 41 -2.82 -5.84 1.77
C TRP B 41 -4.05 -5.68 0.95
N ALA B 42 -4.33 -6.67 0.09
CA ALA B 42 -5.49 -6.67 -0.76
C ALA B 42 -6.33 -7.89 -0.47
N LEU B 43 -7.63 -7.68 -0.27
CA LEU B 43 -8.61 -8.75 -0.08
C LEU B 43 -9.27 -9.05 -1.40
N TRP B 44 -9.24 -10.34 -1.82
CA TRP B 44 -9.82 -10.88 -3.04
C TRP B 44 -10.92 -11.90 -2.75
N PHE B 45 -11.92 -11.98 -3.66
CA PHE B 45 -12.98 -13.00 -3.70
C PHE B 45 -12.87 -13.74 -5.04
N PHE B 46 -13.00 -15.08 -5.04
CA PHE B 46 -12.92 -15.93 -6.25
C PHE B 46 -13.93 -17.12 -6.15
N LYS B 47 -14.33 -17.74 -7.32
CA LYS B 47 -15.32 -18.85 -7.38
C LYS B 47 -15.07 -19.72 -8.60
N ASN B 48 -15.26 -21.06 -8.48
CA ASN B 48 -14.93 -22.01 -9.56
C ASN B 48 -15.98 -22.08 -10.69
N ASP B 49 -16.60 -20.92 -11.10
CA ASP B 49 -17.60 -20.96 -12.18
C ASP B 49 -16.91 -21.21 -13.51
N LYS B 50 -17.52 -22.06 -14.34
CA LYS B 50 -16.93 -22.45 -15.64
C LYS B 50 -17.44 -21.55 -16.77
N SER B 51 -18.73 -21.17 -16.71
CA SER B 51 -19.35 -20.21 -17.66
C SER B 51 -18.46 -18.96 -17.91
N LYS B 52 -17.64 -18.60 -16.91
CA LYS B 52 -16.79 -17.41 -16.92
C LYS B 52 -15.31 -17.84 -16.85
N THR B 53 -14.41 -17.12 -17.55
CA THR B 53 -12.97 -17.40 -17.42
C THR B 53 -12.48 -17.07 -16.00
N TRP B 54 -11.32 -17.63 -15.58
CA TRP B 54 -10.83 -17.47 -14.20
C TRP B 54 -10.70 -16.00 -13.81
N GLN B 55 -10.20 -15.17 -14.73
CA GLN B 55 -10.00 -13.75 -14.49
C GLN B 55 -11.36 -13.02 -14.29
N ALA B 56 -12.44 -13.51 -14.91
CA ALA B 56 -13.78 -12.99 -14.63
C ALA B 56 -14.27 -13.38 -13.22
N ASN B 57 -13.82 -14.53 -12.69
CA ASN B 57 -14.18 -14.96 -11.34
C ASN B 57 -13.38 -14.32 -10.21
N LEU B 58 -12.16 -13.86 -10.47
CA LEU B 58 -11.35 -13.18 -9.49
C LEU B 58 -11.79 -11.74 -9.37
N ARG B 59 -12.40 -11.35 -8.21
CA ARG B 59 -12.83 -9.98 -7.90
C ARG B 59 -11.99 -9.40 -6.77
N LEU B 60 -11.56 -8.14 -6.89
CA LEU B 60 -10.80 -7.42 -5.85
C LEU B 60 -11.84 -6.65 -5.00
N ILE B 61 -11.80 -6.83 -3.68
CA ILE B 61 -12.78 -6.31 -2.76
C ILE B 61 -12.28 -4.98 -2.20
N SER B 62 -11.04 -4.95 -1.70
CA SER B 62 -10.57 -3.78 -0.96
C SER B 62 -9.08 -3.88 -0.64
N LYS B 63 -8.42 -2.74 -0.42
CA LYS B 63 -7.06 -2.70 0.08
C LYS B 63 -6.96 -1.87 1.35
N PHE B 64 -5.93 -2.10 2.16
CA PHE B 64 -5.73 -1.38 3.41
C PHE B 64 -4.29 -1.47 3.85
N ASP B 65 -3.88 -0.53 4.70
CA ASP B 65 -2.53 -0.51 5.23
C ASP B 65 -2.44 0.08 6.63
N THR B 66 -3.53 0.05 7.39
CA THR B 66 -3.54 0.35 8.80
C THR B 66 -4.33 -0.75 9.54
N VAL B 67 -4.05 -0.86 10.85
CA VAL B 67 -4.76 -1.78 11.75
C VAL B 67 -6.25 -1.43 11.78
N GLU B 68 -6.58 -0.13 11.86
CA GLU B 68 -7.95 0.36 11.93
C GLU B 68 -8.75 0.09 10.67
N ASP B 69 -8.14 0.26 9.49
CA ASP B 69 -8.83 -0.06 8.23
C ASP B 69 -8.98 -1.57 8.01
N PHE B 70 -8.04 -2.38 8.52
CA PHE B 70 -8.26 -3.83 8.62
C PHE B 70 -9.52 -4.16 9.41
N TRP B 71 -9.64 -3.62 10.63
CA TRP B 71 -10.78 -3.91 11.46
C TRP B 71 -12.07 -3.35 10.88
N ALA B 72 -12.07 -2.15 10.26
CA ALA B 72 -13.33 -1.66 9.62
C ALA B 72 -13.79 -2.64 8.53
N LEU B 73 -12.85 -3.13 7.71
CA LEU B 73 -13.14 -4.11 6.68
C LEU B 73 -13.58 -5.48 7.25
N TYR B 74 -12.85 -5.99 8.26
CA TYR B 74 -13.22 -7.23 8.95
C TYR B 74 -14.60 -7.14 9.61
N ASN B 75 -14.88 -6.03 10.35
CA ASN B 75 -16.16 -5.83 11.04
C ASN B 75 -17.26 -5.72 10.01
N HIS B 76 -17.06 -4.93 8.95
CA HIS B 76 -18.00 -4.89 7.84
C HIS B 76 -18.30 -6.30 7.25
N ILE B 77 -17.29 -7.02 6.70
CA ILE B 77 -17.50 -8.36 6.12
C ILE B 77 -18.18 -9.31 7.12
N GLN B 78 -17.82 -9.21 8.43
CA GLN B 78 -18.39 -10.09 9.44
C GLN B 78 -19.86 -9.83 9.61
N LEU B 79 -20.30 -8.57 9.56
CA LEU B 79 -21.72 -8.20 9.69
C LEU B 79 -22.50 -8.45 8.40
N SER B 80 -21.89 -8.19 7.24
CA SER B 80 -22.60 -8.11 5.98
C SER B 80 -22.58 -9.37 5.13
N SER B 81 -21.51 -10.17 5.16
CA SER B 81 -21.28 -11.16 4.10
C SER B 81 -21.83 -12.55 4.42
N ASN B 82 -22.23 -13.29 3.38
CA ASN B 82 -22.68 -14.69 3.52
C ASN B 82 -21.56 -15.67 3.17
N LEU B 83 -21.59 -16.86 3.79
CA LEU B 83 -20.57 -17.90 3.64
C LEU B 83 -21.02 -18.98 2.63
N MET B 84 -20.72 -18.81 1.35
CA MET B 84 -21.19 -19.76 0.34
C MET B 84 -20.06 -20.75 0.07
N PRO B 85 -20.31 -22.06 0.12
CA PRO B 85 -19.30 -23.00 -0.41
C PRO B 85 -19.02 -22.78 -1.91
N GLY B 86 -17.89 -23.30 -2.35
CA GLY B 86 -17.36 -23.07 -3.69
C GLY B 86 -16.54 -21.80 -3.82
N CYS B 87 -16.66 -20.88 -2.83
CA CYS B 87 -16.02 -19.57 -2.87
C CYS B 87 -14.66 -19.56 -2.12
N ASP B 88 -13.81 -18.60 -2.47
CA ASP B 88 -12.49 -18.45 -1.86
C ASP B 88 -12.30 -16.99 -1.57
N TYR B 89 -11.68 -16.72 -0.40
CA TYR B 89 -11.19 -15.39 -0.05
C TYR B 89 -9.69 -15.45 0.16
N SER B 90 -9.04 -14.36 -0.15
CA SER B 90 -7.58 -14.26 -0.08
C SER B 90 -7.16 -12.90 0.32
N LEU B 91 -6.22 -12.84 1.26
CA LEU B 91 -5.56 -11.61 1.59
C LEU B 91 -4.12 -11.74 1.17
N PHE B 92 -3.68 -10.91 0.23
CA PHE B 92 -2.32 -10.97 -0.31
C PHE B 92 -1.71 -9.63 -0.27
N LYS B 93 -0.36 -9.58 -0.15
CA LYS B 93 0.36 -8.32 -0.22
C LYS B 93 0.05 -7.61 -1.55
N ASP B 94 0.00 -6.30 -1.48
CA ASP B 94 -0.28 -5.45 -2.63
C ASP B 94 0.72 -5.76 -3.76
N GLY B 95 0.17 -6.10 -4.93
CA GLY B 95 0.93 -6.41 -6.12
C GLY B 95 1.21 -7.87 -6.36
N ILE B 96 0.67 -8.77 -5.54
CA ILE B 96 0.69 -10.21 -5.73
C ILE B 96 -0.75 -10.65 -5.96
N GLU B 97 -1.02 -11.21 -7.14
CA GLU B 97 -2.30 -11.85 -7.39
C GLU B 97 -2.39 -13.18 -6.64
N PRO B 98 -3.62 -13.52 -6.20
CA PRO B 98 -3.80 -14.74 -5.44
C PRO B 98 -3.84 -15.98 -6.33
N MET B 99 -2.85 -16.17 -7.19
CA MET B 99 -2.80 -17.25 -8.14
C MET B 99 -1.37 -17.77 -8.14
N TRP B 100 -1.23 -19.10 -8.16
CA TRP B 100 0.10 -19.72 -7.97
C TRP B 100 1.05 -19.36 -9.14
N GLU B 101 0.50 -18.92 -10.31
CA GLU B 101 1.26 -18.54 -11.50
C GLU B 101 1.94 -17.20 -11.35
N ASP B 102 1.45 -16.28 -10.47
CA ASP B 102 2.16 -15.01 -10.11
C ASP B 102 3.66 -15.27 -9.93
N GLU B 103 4.49 -14.28 -10.29
CA GLU B 103 5.94 -14.35 -10.12
C GLU B 103 6.34 -14.55 -8.64
N LYS B 104 5.54 -14.05 -7.66
CA LYS B 104 5.84 -14.24 -6.23
C LYS B 104 5.29 -15.53 -5.62
N ASN B 105 4.45 -16.31 -6.34
CA ASN B 105 3.96 -17.56 -5.83
C ASN B 105 4.50 -18.78 -6.62
N LYS B 106 4.91 -18.61 -7.89
CA LYS B 106 5.24 -19.79 -8.74
C LYS B 106 6.30 -20.70 -8.13
N ARG B 107 7.28 -20.15 -7.38
CA ARG B 107 8.32 -20.97 -6.77
C ARG B 107 8.01 -21.37 -5.30
N GLY B 108 6.78 -21.20 -4.88
CA GLY B 108 6.40 -21.15 -3.49
C GLY B 108 5.61 -22.35 -3.06
N GLY B 109 4.94 -22.17 -1.95
CA GLY B 109 3.95 -23.11 -1.49
C GLY B 109 3.15 -22.58 -0.33
N ARG B 110 2.53 -23.50 0.41
CA ARG B 110 1.55 -23.15 1.40
C ARG B 110 1.59 -24.11 2.59
N TRP B 111 1.52 -23.55 3.81
CA TRP B 111 1.15 -24.28 5.03
C TRP B 111 -0.34 -24.45 5.06
N LEU B 112 -0.82 -25.65 5.14
CA LEU B 112 -2.25 -25.95 4.97
C LEU B 112 -2.88 -26.49 6.22
N ILE B 113 -4.09 -25.95 6.57
CA ILE B 113 -4.96 -26.37 7.65
C ILE B 113 -6.27 -26.81 7.00
N THR B 114 -6.57 -28.11 7.07
CA THR B 114 -7.79 -28.63 6.59
C THR B 114 -8.68 -28.77 7.81
N LEU B 115 -9.83 -28.11 7.77
CA LEU B 115 -10.86 -28.30 8.77
C LEU B 115 -11.85 -29.35 8.24
N ASN B 116 -12.21 -30.30 9.10
CA ASN B 116 -13.28 -31.22 8.76
C ASN B 116 -14.66 -30.55 8.95
N LYS B 117 -15.74 -31.24 8.56
CA LYS B 117 -17.09 -30.70 8.48
C LYS B 117 -17.55 -30.01 9.76
N GLN B 118 -17.33 -30.65 10.90
CA GLN B 118 -17.77 -30.11 12.19
C GLN B 118 -16.90 -28.92 12.64
N GLN B 119 -15.58 -28.96 12.29
CA GLN B 119 -14.65 -27.86 12.56
C GLN B 119 -15.01 -26.59 11.84
N ARG B 120 -15.92 -26.58 10.83
CA ARG B 120 -16.35 -25.33 10.22
C ARG B 120 -17.01 -24.43 11.29
N ARG B 121 -18.10 -24.94 11.86
CA ARG B 121 -18.93 -24.20 12.81
C ARG B 121 -18.07 -23.67 13.98
N SER B 122 -17.19 -24.53 14.51
CA SER B 122 -16.32 -24.27 15.66
C SER B 122 -14.98 -23.51 15.38
N ASP B 123 -14.29 -23.80 14.27
CA ASP B 123 -12.91 -23.32 14.08
C ASP B 123 -12.69 -22.41 12.88
N LEU B 124 -13.57 -22.37 11.86
CA LEU B 124 -13.31 -21.59 10.64
C LEU B 124 -13.08 -20.09 10.93
N ASN B 125 -14.02 -19.45 11.61
CA ASN B 125 -13.93 -18.01 11.85
C ASN B 125 -12.73 -17.68 12.72
N ARG B 126 -12.53 -18.45 13.76
CA ARG B 126 -11.42 -18.29 14.67
C ARG B 126 -10.08 -18.47 13.95
N PHE B 127 -9.89 -19.56 13.23
CA PHE B 127 -8.61 -19.83 12.58
C PHE B 127 -8.36 -18.83 11.47
N TRP B 128 -9.41 -18.41 10.74
CA TRP B 128 -9.23 -17.41 9.68
C TRP B 128 -8.77 -16.09 10.25
N LEU B 129 -9.42 -15.58 11.32
CA LEU B 129 -8.98 -14.36 11.97
C LEU B 129 -7.55 -14.49 12.49
N GLU B 130 -7.22 -15.64 13.17
CA GLU B 130 -5.86 -15.76 13.70
C GLU B 130 -4.80 -15.73 12.59
N THR B 131 -5.13 -16.36 11.46
CA THR B 131 -4.32 -16.28 10.24
C THR B 131 -4.11 -14.83 9.76
N LEU B 132 -5.20 -14.06 9.67
CA LEU B 132 -5.11 -12.65 9.24
C LEU B 132 -4.26 -11.82 10.18
N LEU B 133 -4.32 -12.08 11.47
CA LEU B 133 -3.51 -11.33 12.43
C LEU B 133 -2.00 -11.59 12.26
N CYS B 134 -1.61 -12.82 11.97
CA CYS B 134 -0.29 -13.26 11.68
C CYS B 134 0.29 -12.50 10.47
N LEU B 135 -0.55 -12.31 9.43
CA LEU B 135 -0.18 -11.60 8.22
C LEU B 135 0.02 -10.12 8.48
N ILE B 136 -1.02 -9.40 8.90
CA ILE B 136 -0.92 -7.94 9.05
C ILE B 136 0.01 -7.55 10.17
N GLY B 137 0.08 -8.36 11.21
CA GLY B 137 0.99 -8.11 12.33
C GLY B 137 2.46 -8.43 12.11
N GLU B 138 2.84 -8.99 10.96
CA GLU B 138 4.25 -9.41 10.70
C GLU B 138 4.84 -10.40 11.75
N SER B 139 4.11 -11.53 11.94
CA SER B 139 4.29 -12.41 13.08
C SER B 139 5.46 -13.38 12.96
N PHE B 140 6.15 -13.37 11.83
CA PHE B 140 7.20 -14.35 11.57
C PHE B 140 8.57 -13.73 11.59
N ASP B 141 8.75 -12.54 12.23
CA ASP B 141 10.10 -11.93 12.37
C ASP B 141 10.65 -11.61 10.93
N ASP B 142 11.94 -11.82 10.56
CA ASP B 142 12.36 -11.47 9.19
C ASP B 142 11.62 -12.35 8.15
N TYR B 143 11.16 -13.55 8.58
CA TYR B 143 10.60 -14.49 7.62
C TYR B 143 9.17 -14.14 7.22
N SER B 144 8.58 -13.02 7.75
CA SER B 144 7.32 -12.50 7.23
C SER B 144 7.49 -11.93 5.83
N ASP B 145 8.72 -11.55 5.41
CA ASP B 145 8.94 -11.15 4.02
C ASP B 145 8.68 -12.32 3.07
N ASP B 146 8.83 -13.58 3.54
CA ASP B 146 8.49 -14.71 2.68
C ASP B 146 6.99 -14.93 2.53
N VAL B 147 6.15 -14.31 3.35
CA VAL B 147 4.69 -14.47 3.25
C VAL B 147 4.18 -13.71 2.04
N CYS B 148 3.36 -14.35 1.21
CA CYS B 148 2.66 -13.69 0.09
C CYS B 148 1.23 -13.35 0.51
N GLY B 149 0.57 -14.27 1.16
CA GLY B 149 -0.81 -14.09 1.57
C GLY B 149 -1.36 -15.34 2.21
N ALA B 150 -2.68 -15.33 2.43
CA ALA B 150 -3.43 -16.45 2.99
C ALA B 150 -4.71 -16.63 2.21
N VAL B 151 -5.14 -17.89 2.04
CA VAL B 151 -6.35 -18.25 1.35
C VAL B 151 -7.30 -19.09 2.24
N VAL B 152 -8.59 -18.81 2.14
CA VAL B 152 -9.61 -19.68 2.69
C VAL B 152 -10.48 -20.25 1.55
N ASN B 153 -10.51 -21.58 1.42
CA ASN B 153 -11.41 -22.26 0.50
C ASN B 153 -12.61 -22.83 1.32
N VAL B 154 -13.80 -22.27 1.10
CA VAL B 154 -15.04 -22.71 1.78
C VAL B 154 -15.65 -23.82 0.91
N ARG B 155 -15.79 -25.03 1.46
CA ARG B 155 -16.14 -26.21 0.68
C ARG B 155 -17.10 -27.11 1.46
N ALA B 156 -17.77 -28.03 0.78
CA ALA B 156 -18.74 -28.91 1.43
C ALA B 156 -18.03 -30.02 2.19
N LYS B 157 -17.00 -30.59 1.56
CA LYS B 157 -16.15 -31.65 2.11
C LYS B 157 -15.37 -31.19 3.34
N GLY B 158 -15.00 -29.92 3.40
CA GLY B 158 -14.19 -29.43 4.50
C GLY B 158 -13.35 -28.27 4.07
N ASP B 159 -13.28 -27.28 4.93
CA ASP B 159 -12.74 -26.01 4.58
C ASP B 159 -11.22 -26.08 4.62
N LYS B 160 -10.56 -25.25 3.80
CA LYS B 160 -9.09 -25.16 3.79
C LYS B 160 -8.67 -23.76 4.10
N ILE B 161 -7.64 -23.63 4.99
CA ILE B 161 -7.01 -22.36 5.26
C ILE B 161 -5.51 -22.57 5.09
N ALA B 162 -4.82 -21.63 4.42
CA ALA B 162 -3.43 -21.81 4.06
C ALA B 162 -2.71 -20.49 4.07
N ILE B 163 -1.47 -20.46 4.59
CA ILE B 163 -0.53 -19.36 4.31
C ILE B 163 0.42 -19.71 3.18
N TRP B 164 0.41 -18.85 2.17
CA TRP B 164 1.18 -18.90 0.95
C TRP B 164 2.50 -18.16 1.21
N THR B 165 3.61 -18.81 0.87
CA THR B 165 4.93 -18.21 0.95
C THR B 165 5.56 -18.25 -0.42
N THR B 166 6.63 -17.46 -0.59
CA THR B 166 7.19 -17.16 -1.91
C THR B 166 8.18 -18.21 -2.50
N GLU B 167 8.84 -19.01 -1.62
CA GLU B 167 9.99 -19.85 -2.03
C GLU B 167 10.02 -21.15 -1.24
N CYS B 168 9.59 -22.27 -1.86
CA CYS B 168 9.56 -23.53 -1.12
C CYS B 168 10.93 -24.05 -0.75
N GLU B 169 12.06 -23.56 -1.32
CA GLU B 169 13.39 -24.03 -0.94
C GLU B 169 14.03 -23.22 0.22
N ASN B 170 13.34 -22.19 0.73
CA ASN B 170 13.78 -21.46 1.94
C ASN B 170 13.30 -22.21 3.18
N ARG B 171 13.99 -23.32 3.52
CA ARG B 171 13.50 -24.19 4.60
C ARG B 171 13.43 -23.45 5.93
N GLU B 172 14.47 -22.67 6.29
CA GLU B 172 14.53 -21.96 7.58
C GLU B 172 13.37 -20.94 7.74
N ALA B 173 13.02 -20.24 6.64
CA ALA B 173 11.90 -19.27 6.66
C ALA B 173 10.55 -20.01 6.80
N VAL B 174 10.41 -21.06 5.99
CA VAL B 174 9.21 -21.81 5.81
C VAL B 174 8.85 -22.49 7.11
N THR B 175 9.81 -23.20 7.70
CA THR B 175 9.54 -24.01 8.87
C THR B 175 9.25 -23.06 10.07
N HIS B 176 9.97 -21.94 10.17
CA HIS B 176 9.68 -20.95 11.24
C HIS B 176 8.28 -20.38 11.11
N ILE B 177 7.85 -20.00 9.90
CA ILE B 177 6.46 -19.60 9.67
C ILE B 177 5.47 -20.67 10.17
N GLY B 178 5.74 -21.91 9.81
CA GLY B 178 4.86 -23.03 10.10
C GLY B 178 4.73 -23.25 11.59
N ARG B 179 5.84 -23.15 12.28
CA ARG B 179 5.91 -23.38 13.73
C ARG B 179 5.15 -22.32 14.52
N VAL B 180 5.39 -21.04 14.18
CA VAL B 180 4.72 -19.88 14.79
C VAL B 180 3.24 -19.89 14.44
N TYR B 181 2.93 -20.17 13.19
CA TYR B 181 1.53 -20.31 12.76
C TYR B 181 0.76 -21.39 13.52
N LYS B 182 1.32 -22.60 13.65
CA LYS B 182 0.66 -23.68 14.37
C LYS B 182 0.46 -23.27 15.84
N GLU B 183 1.47 -22.61 16.44
CA GLU B 183 1.42 -22.05 17.82
C GLU B 183 0.25 -21.03 17.97
N ARG B 184 0.13 -20.11 17.02
CA ARG B 184 -0.87 -19.08 17.04
C ARG B 184 -2.24 -19.62 16.77
N LEU B 185 -2.35 -20.70 15.97
CA LEU B 185 -3.59 -21.43 15.85
C LEU B 185 -3.98 -22.23 17.11
N GLY B 186 -3.05 -22.41 18.07
CA GLY B 186 -3.24 -23.26 19.24
C GLY B 186 -3.56 -24.68 18.91
N LEU B 187 -3.06 -25.18 17.77
CA LEU B 187 -3.18 -26.59 17.45
C LEU B 187 -2.30 -27.39 18.42
N PRO B 188 -2.78 -28.56 18.90
CA PRO B 188 -1.90 -29.39 19.74
C PRO B 188 -0.73 -29.94 18.95
N PRO B 189 0.39 -30.22 19.64
CA PRO B 189 1.59 -30.66 18.89
C PRO B 189 1.47 -31.98 18.14
N LYS B 190 0.41 -32.77 18.45
CA LYS B 190 0.03 -34.06 17.83
C LYS B 190 -0.58 -33.83 16.46
N ILE B 191 -1.31 -32.69 16.28
CA ILE B 191 -1.90 -32.31 15.00
C ILE B 191 -0.76 -31.76 14.18
N VAL B 192 -0.34 -32.47 13.14
CA VAL B 192 0.78 -32.04 12.31
C VAL B 192 0.28 -31.31 11.09
N ILE B 193 0.85 -30.11 10.81
CA ILE B 193 0.50 -29.37 9.59
C ILE B 193 1.58 -29.58 8.55
N GLY B 194 1.18 -29.46 7.28
CA GLY B 194 2.05 -29.76 6.17
C GLY B 194 2.24 -28.58 5.24
N TYR B 195 3.47 -28.44 4.68
CA TYR B 195 3.81 -27.38 3.74
C TYR B 195 3.90 -28.04 2.39
N GLN B 196 3.13 -27.55 1.40
CA GLN B 196 3.05 -28.10 0.05
C GLN B 196 3.53 -27.09 -0.97
N SER B 197 4.54 -27.44 -1.76
CA SER B 197 4.94 -26.67 -2.95
C SER B 197 3.70 -26.47 -3.88
N HIS B 198 3.56 -25.31 -4.45
CA HIS B 198 2.49 -25.01 -5.41
C HIS B 198 2.64 -25.90 -6.65
N ALA B 199 3.88 -26.20 -7.04
CA ALA B 199 4.18 -27.08 -8.19
C ALA B 199 3.61 -28.51 -8.01
N ASP B 200 3.60 -29.03 -6.78
CA ASP B 200 3.00 -30.33 -6.49
C ASP B 200 1.47 -30.20 -6.43
N THR B 201 0.96 -29.16 -5.74
CA THR B 201 -0.49 -28.91 -5.63
C THR B 201 -1.15 -28.67 -6.97
N ALA B 202 -0.42 -28.13 -7.95
CA ALA B 202 -0.95 -27.98 -9.30
C ALA B 202 -1.11 -29.30 -10.00
N THR B 203 -0.26 -30.30 -9.70
CA THR B 203 -0.36 -31.60 -10.34
C THR B 203 -1.34 -32.41 -9.54
N LYS B 204 -2.34 -32.98 -10.23
CA LYS B 204 -3.25 -33.89 -9.59
C LYS B 204 -2.64 -35.28 -9.78
N SER B 205 -2.23 -35.90 -8.65
CA SER B 205 -1.52 -37.19 -8.58
C SER B 205 -2.27 -38.25 -7.77
N GLY B 206 -3.55 -38.03 -7.49
CA GLY B 206 -4.34 -38.97 -6.73
C GLY B 206 -5.06 -38.30 -5.56
N SER B 207 -5.13 -38.96 -4.37
CA SER B 207 -6.04 -38.47 -3.32
C SER B 207 -5.51 -37.28 -2.51
N THR B 208 -4.19 -37.21 -2.23
CA THR B 208 -3.64 -36.00 -1.56
C THR B 208 -2.37 -35.49 -2.33
N THR B 209 -1.65 -34.51 -1.77
CA THR B 209 -0.42 -33.93 -2.31
C THR B 209 0.78 -34.18 -1.35
N LYS B 210 2.01 -34.18 -1.88
CA LYS B 210 3.20 -34.37 -1.08
C LYS B 210 3.46 -33.14 -0.23
N ASN B 211 3.93 -33.33 0.99
CA ASN B 211 4.45 -32.28 1.86
C ASN B 211 5.96 -32.18 1.77
N ARG B 212 6.45 -31.03 1.37
CA ARG B 212 7.88 -30.71 1.43
C ARG B 212 8.37 -30.64 2.91
N PHE B 213 7.57 -30.04 3.83
CA PHE B 213 7.88 -29.95 5.29
C PHE B 213 6.62 -30.25 6.12
N VAL B 214 6.82 -30.59 7.41
CA VAL B 214 5.77 -30.91 8.38
C VAL B 214 6.19 -30.24 9.74
N VAL B 215 5.23 -29.66 10.50
CA VAL B 215 5.47 -29.22 11.87
C VAL B 215 4.31 -29.60 12.77
#